data_6M4I
#
_entry.id   6M4I
#
_cell.length_a   96.825
_cell.length_b   82.839
_cell.length_c   49.372
_cell.angle_alpha   90.000
_cell.angle_beta   100.850
_cell.angle_gamma   90.000
#
_symmetry.space_group_name_H-M   'P 1 21 1'
#
loop_
_entity.id
_entity.type
_entity.pdbx_description
1 polymer 'Centromere-associated protein E'
2 non-polymer "ADENOSINE-5'-DIPHOSPHATE"
3 non-polymer 'MAGNESIUM ION'
4 water water
#
_entity_poly.entity_id   1
_entity_poly.type   'polypeptide(L)'
_entity_poly.pdbx_seq_one_letter_code
;MNHKVHMAEEGAVAVCVRVRPLNSREESLGETAQVYWKTDNNVIYQVDGSKSFNFDRVFHGNETTKNVYEEIAAPIIDSA
IQGYNGTIFAYGQTASGKTYTMMGSEDHLGVIPRAIHDIFQKIKKFPDREFLLRVSYMEIYNETITDLLCGTQKMKPLII
REDVNRNVYVADLTEEVVYTSEMALKWITKGEKSRHYGETKMNQRSSRSHTIFRMILESREKGEPSNCEGSVKVSHLNLV
DLAGSERAAQTGAAGVRLKEGCNINRSLFILGQVIKKLSDGQVGGFINYRDSKLTRILQNSLGGNPKTRIICTITPVSFD
ETLTALQFASTAKYMKNTPYVNEVSGSHHHHHH
;
_entity_poly.pdbx_strand_id   A,B
#
loop_
_chem_comp.id
_chem_comp.type
_chem_comp.name
_chem_comp.formula
ADP non-polymer ADENOSINE-5'-DIPHOSPHATE 'C10 H15 N5 O10 P2'
MG non-polymer 'MAGNESIUM ION' 'Mg 2'
#
# COMPACT_ATOMS: atom_id res chain seq x y z
N GLU A 10 -11.93 1.02 6.52
CA GLU A 10 -12.19 1.76 5.26
C GLU A 10 -13.22 0.96 4.44
N GLY A 11 -12.77 -0.02 3.66
CA GLY A 11 -13.63 -0.80 2.74
C GLY A 11 -14.27 0.10 1.69
N ALA A 12 -13.52 1.09 1.19
CA ALA A 12 -13.99 2.09 0.20
C ALA A 12 -13.94 1.48 -1.21
N VAL A 13 -13.11 0.45 -1.40
CA VAL A 13 -12.93 -0.25 -2.70
C VAL A 13 -13.10 -1.74 -2.46
N ALA A 14 -13.93 -2.44 -3.22
CA ALA A 14 -14.05 -3.91 -3.09
C ALA A 14 -14.18 -4.51 -4.49
N VAL A 15 -13.60 -5.67 -4.66
CA VAL A 15 -13.60 -6.38 -5.96
C VAL A 15 -14.20 -7.75 -5.71
N CYS A 16 -15.04 -8.21 -6.61
CA CYS A 16 -15.54 -9.60 -6.61
C CYS A 16 -15.43 -10.13 -8.03
N VAL A 17 -15.56 -11.43 -8.19
CA VAL A 17 -15.56 -12.12 -9.49
C VAL A 17 -16.89 -12.83 -9.62
N ARG A 18 -17.39 -12.90 -10.84
CA ARG A 18 -18.62 -13.63 -11.14
C ARG A 18 -18.34 -14.58 -12.27
N VAL A 19 -18.39 -15.89 -11.98
CA VAL A 19 -18.15 -16.96 -12.97
C VAL A 19 -19.47 -17.20 -13.67
N ARG A 20 -19.50 -17.18 -14.99
CA ARG A 20 -20.77 -17.49 -15.68
C ARG A 20 -20.88 -19.01 -15.82
N PRO A 21 -22.10 -19.56 -15.79
CA PRO A 21 -22.31 -20.99 -16.00
C PRO A 21 -22.11 -21.28 -17.50
N LEU A 22 -21.91 -22.56 -17.85
CA LEU A 22 -21.54 -22.99 -19.24
C LEU A 22 -22.79 -22.92 -20.12
N ASN A 23 -22.65 -22.50 -21.38
CA ASN A 23 -23.78 -22.16 -22.31
C ASN A 23 -24.03 -23.32 -23.28
N ALA A 33 -14.49 -28.08 -25.42
CA ALA A 33 -14.01 -26.95 -24.60
C ALA A 33 -13.62 -27.43 -23.19
N GLN A 34 -12.35 -27.26 -22.82
CA GLN A 34 -11.80 -27.50 -21.46
C GLN A 34 -12.30 -26.39 -20.51
N VAL A 35 -12.75 -26.76 -19.31
CA VAL A 35 -12.90 -25.83 -18.16
C VAL A 35 -11.53 -25.54 -17.54
N TYR A 36 -10.99 -24.33 -17.72
CA TYR A 36 -9.61 -23.95 -17.27
C TYR A 36 -9.62 -23.41 -15.84
N TRP A 37 -10.79 -23.07 -15.30
CA TRP A 37 -10.92 -22.39 -13.99
C TRP A 37 -12.03 -23.00 -13.17
N LYS A 38 -11.82 -23.01 -11.85
CA LYS A 38 -12.79 -23.47 -10.85
C LYS A 38 -12.66 -22.53 -9.67
N THR A 39 -13.67 -22.50 -8.83
CA THR A 39 -13.69 -21.63 -7.64
C THR A 39 -14.00 -22.44 -6.38
N ASP A 40 -13.10 -22.31 -5.41
N ASP A 40 -13.29 -22.15 -5.27
CA ASP A 40 -13.13 -22.95 -4.08
CA ASP A 40 -13.66 -22.61 -3.91
C ASP A 40 -13.26 -21.81 -3.09
C ASP A 40 -13.41 -21.50 -2.90
N ASN A 41 -14.46 -21.66 -2.53
N ASN A 41 -14.44 -21.18 -2.11
CA ASN A 41 -14.82 -20.45 -1.75
CA ASN A 41 -14.48 -20.15 -1.04
C ASN A 41 -14.54 -19.23 -2.64
C ASN A 41 -13.53 -18.98 -1.38
N ASN A 42 -13.67 -18.37 -2.14
N ASN A 42 -13.88 -18.33 -2.48
CA ASN A 42 -13.35 -17.04 -2.72
CA ASN A 42 -13.37 -16.97 -2.81
C ASN A 42 -11.97 -17.07 -3.34
C ASN A 42 -11.96 -17.06 -3.36
N VAL A 43 -11.59 -18.22 -3.89
CA VAL A 43 -10.32 -18.43 -4.64
C VAL A 43 -10.72 -18.93 -6.03
N ILE A 44 -10.17 -18.34 -7.08
CA ILE A 44 -10.32 -18.85 -8.48
C ILE A 44 -8.94 -19.35 -8.84
N TYR A 45 -8.88 -20.64 -9.19
CA TYR A 45 -7.62 -21.36 -9.43
C TYR A 45 -7.74 -22.02 -10.81
N GLN A 46 -6.61 -22.05 -11.47
CA GLN A 46 -6.40 -22.79 -12.74
C GLN A 46 -6.47 -24.30 -12.43
N VAL A 47 -7.29 -25.05 -13.16
CA VAL A 47 -7.43 -26.52 -13.00
C VAL A 47 -6.15 -27.20 -13.50
N ASP A 48 -5.57 -28.07 -12.68
CA ASP A 48 -4.27 -28.72 -13.02
C ASP A 48 -3.33 -27.64 -13.57
N GLY A 49 -3.20 -26.51 -12.85
CA GLY A 49 -2.32 -25.37 -13.21
C GLY A 49 -1.79 -24.60 -12.00
N SER A 50 -0.96 -23.57 -12.20
CA SER A 50 -0.26 -22.81 -11.13
C SER A 50 -0.98 -21.53 -10.66
N LYS A 51 -1.84 -20.97 -11.50
CA LYS A 51 -2.46 -19.63 -11.26
C LYS A 51 -3.53 -19.76 -10.18
N SER A 52 -3.53 -18.89 -9.17
CA SER A 52 -4.73 -18.73 -8.30
C SER A 52 -4.86 -17.28 -7.82
N PHE A 53 -6.08 -16.84 -7.50
CA PHE A 53 -6.37 -15.44 -7.08
C PHE A 53 -7.44 -15.47 -6.01
N ASN A 54 -7.17 -14.81 -4.88
CA ASN A 54 -8.12 -14.62 -3.77
C ASN A 54 -8.85 -13.29 -3.95
N PHE A 55 -10.16 -13.29 -3.76
CA PHE A 55 -10.99 -12.05 -3.76
C PHE A 55 -11.86 -12.10 -2.53
N ASP A 56 -12.45 -10.96 -2.18
CA ASP A 56 -13.36 -10.90 -1.01
C ASP A 56 -14.58 -11.76 -1.31
N ARG A 57 -14.98 -11.93 -2.58
CA ARG A 57 -16.14 -12.75 -2.95
C ARG A 57 -15.97 -13.22 -4.39
N VAL A 58 -16.21 -14.50 -4.63
CA VAL A 58 -16.38 -15.10 -5.98
C VAL A 58 -17.74 -15.73 -6.02
N PHE A 59 -18.53 -15.40 -7.03
CA PHE A 59 -19.87 -15.93 -7.24
C PHE A 59 -19.73 -17.01 -8.29
N HIS A 60 -20.31 -18.20 -8.05
N HIS A 60 -20.26 -18.23 -8.07
CA HIS A 60 -20.22 -19.40 -8.91
CA HIS A 60 -20.10 -19.35 -9.03
C HIS A 60 -21.30 -19.31 -10.01
C HIS A 60 -21.27 -19.32 -10.02
N GLY A 61 -21.19 -20.16 -11.05
CA GLY A 61 -22.15 -20.26 -12.18
C GLY A 61 -23.61 -20.31 -11.77
N ASN A 62 -23.94 -20.78 -10.57
CA ASN A 62 -25.37 -20.95 -10.17
C ASN A 62 -25.84 -19.79 -9.29
N GLU A 63 -24.98 -18.82 -8.94
CA GLU A 63 -25.43 -17.69 -8.06
C GLU A 63 -26.11 -16.64 -8.96
N THR A 64 -27.17 -16.00 -8.45
CA THR A 64 -28.11 -15.16 -9.23
C THR A 64 -27.66 -13.69 -9.17
N THR A 65 -28.11 -12.89 -10.13
CA THR A 65 -27.83 -11.43 -10.13
C THR A 65 -28.47 -10.85 -8.86
N LYS A 66 -29.55 -11.46 -8.36
CA LYS A 66 -30.17 -11.03 -7.08
C LYS A 66 -29.15 -11.12 -5.95
N ASN A 67 -28.43 -12.25 -5.83
CA ASN A 67 -27.38 -12.43 -4.79
C ASN A 67 -26.28 -11.38 -5.01
N VAL A 68 -25.84 -11.24 -6.22
CA VAL A 68 -24.73 -10.30 -6.55
C VAL A 68 -25.20 -8.89 -6.13
N TYR A 69 -26.43 -8.52 -6.50
CA TYR A 69 -26.97 -7.16 -6.21
C TYR A 69 -26.93 -6.91 -4.71
N GLU A 70 -27.42 -7.91 -3.98
CA GLU A 70 -27.72 -7.77 -2.54
C GLU A 70 -26.39 -7.68 -1.80
N GLU A 71 -25.40 -8.50 -2.16
CA GLU A 71 -24.09 -8.49 -1.46
C GLU A 71 -23.24 -7.30 -1.94
N ILE A 72 -23.26 -7.01 -3.22
CA ILE A 72 -22.25 -6.04 -3.78
C ILE A 72 -22.85 -4.64 -3.88
N ALA A 73 -24.01 -4.50 -4.51
CA ALA A 73 -24.56 -3.18 -4.89
C ALA A 73 -25.41 -2.53 -3.79
N ALA A 74 -26.28 -3.29 -3.11
CA ALA A 74 -27.23 -2.78 -2.09
C ALA A 74 -26.52 -1.86 -1.11
N PRO A 75 -25.34 -2.22 -0.55
CA PRO A 75 -24.65 -1.35 0.40
C PRO A 75 -24.23 -0.02 -0.25
N ILE A 76 -23.99 -0.02 -1.57
CA ILE A 76 -23.51 1.20 -2.27
C ILE A 76 -24.75 2.11 -2.44
N ILE A 77 -25.92 1.52 -2.72
CA ILE A 77 -27.19 2.28 -2.86
C ILE A 77 -27.47 2.91 -1.49
N ASP A 78 -27.33 2.15 -0.41
CA ASP A 78 -27.48 2.65 0.99
C ASP A 78 -26.55 3.86 1.18
N SER A 79 -25.27 3.75 0.79
CA SER A 79 -24.25 4.81 0.96
C SER A 79 -24.60 6.04 0.13
N ALA A 80 -25.14 5.84 -1.08
CA ALA A 80 -25.54 6.91 -2.01
C ALA A 80 -26.66 7.75 -1.37
N ILE A 81 -27.62 7.07 -0.75
CA ILE A 81 -28.77 7.73 -0.07
C ILE A 81 -28.24 8.52 1.13
N GLN A 82 -27.12 8.09 1.73
CA GLN A 82 -26.44 8.79 2.85
C GLN A 82 -25.48 9.88 2.35
N GLY A 83 -25.36 10.07 1.03
CA GLY A 83 -24.63 11.19 0.42
C GLY A 83 -23.19 10.84 0.05
N TYR A 84 -22.86 9.55 -0.06
CA TYR A 84 -21.56 9.11 -0.62
C TYR A 84 -21.71 8.92 -2.13
N ASN A 85 -20.74 9.39 -2.91
CA ASN A 85 -20.55 8.95 -4.32
C ASN A 85 -20.30 7.42 -4.31
N GLY A 86 -20.85 6.73 -5.30
CA GLY A 86 -20.69 5.28 -5.44
C GLY A 86 -20.64 4.91 -6.89
N THR A 87 -19.72 4.01 -7.22
CA THR A 87 -19.48 3.59 -8.59
C THR A 87 -19.39 2.06 -8.55
N ILE A 88 -20.09 1.42 -9.50
CA ILE A 88 -19.99 -0.04 -9.71
C ILE A 88 -19.62 -0.22 -11.16
N PHE A 89 -18.52 -0.93 -11.41
CA PHE A 89 -18.08 -1.37 -12.74
C PHE A 89 -18.33 -2.87 -12.94
N ALA A 90 -18.72 -3.28 -14.14
CA ALA A 90 -18.60 -4.66 -14.66
C ALA A 90 -17.46 -4.67 -15.67
N TYR A 91 -16.46 -5.50 -15.42
CA TYR A 91 -15.20 -5.64 -16.19
C TYR A 91 -15.06 -7.11 -16.58
N GLY A 92 -14.73 -7.38 -17.84
CA GLY A 92 -14.42 -8.76 -18.26
C GLY A 92 -14.57 -8.90 -19.74
N GLN A 93 -14.24 -10.07 -20.23
CA GLN A 93 -14.27 -10.46 -21.67
C GLN A 93 -15.68 -10.31 -22.25
N THR A 94 -15.79 -10.04 -23.53
CA THR A 94 -17.06 -10.16 -24.30
C THR A 94 -17.62 -11.57 -24.06
N ALA A 95 -18.92 -11.64 -23.79
CA ALA A 95 -19.71 -12.88 -23.51
C ALA A 95 -19.40 -13.43 -22.11
N SER A 96 -18.79 -12.67 -21.22
CA SER A 96 -18.47 -13.19 -19.84
C SER A 96 -19.64 -12.94 -18.88
N GLY A 97 -20.55 -11.99 -19.15
CA GLY A 97 -21.65 -11.71 -18.21
C GLY A 97 -21.84 -10.26 -17.77
N LYS A 98 -21.11 -9.29 -18.33
CA LYS A 98 -21.19 -7.86 -17.91
C LYS A 98 -22.63 -7.35 -18.00
N THR A 99 -23.27 -7.46 -19.16
CA THR A 99 -24.61 -6.91 -19.47
C THR A 99 -25.65 -7.76 -18.76
N TYR A 100 -25.42 -9.09 -18.70
CA TYR A 100 -26.29 -9.99 -17.94
C TYR A 100 -26.34 -9.49 -16.49
N THR A 101 -25.19 -9.14 -15.90
CA THR A 101 -25.10 -8.72 -14.47
C THR A 101 -25.67 -7.29 -14.28
N MET A 102 -25.31 -6.34 -15.14
CA MET A 102 -25.65 -4.91 -14.92
C MET A 102 -27.06 -4.55 -15.40
N MET A 103 -27.55 -5.12 -16.50
CA MET A 103 -28.89 -4.86 -17.08
C MET A 103 -29.83 -6.09 -16.94
N GLY A 104 -29.37 -7.29 -17.31
CA GLY A 104 -30.20 -8.52 -17.19
C GLY A 104 -31.44 -8.45 -18.07
N SER A 105 -32.54 -9.02 -17.61
CA SER A 105 -33.82 -9.14 -18.36
C SER A 105 -34.98 -9.23 -17.36
N GLU A 106 -36.22 -9.25 -17.87
CA GLU A 106 -37.48 -9.26 -17.07
C GLU A 106 -37.42 -10.40 -16.04
N ASP A 107 -37.00 -11.59 -16.48
CA ASP A 107 -36.95 -12.84 -15.68
C ASP A 107 -35.81 -12.81 -14.67
N HIS A 108 -34.76 -12.00 -14.91
N HIS A 108 -34.73 -12.05 -14.93
CA HIS A 108 -33.55 -11.88 -14.06
CA HIS A 108 -33.66 -11.81 -13.92
C HIS A 108 -32.97 -10.45 -14.17
C HIS A 108 -33.00 -10.44 -14.15
N LEU A 109 -33.47 -9.47 -13.39
CA LEU A 109 -33.08 -8.05 -13.55
C LEU A 109 -31.60 -7.90 -13.15
N GLY A 110 -30.92 -6.99 -13.84
CA GLY A 110 -29.52 -6.64 -13.58
C GLY A 110 -29.38 -5.67 -12.44
N VAL A 111 -28.15 -5.28 -12.13
CA VAL A 111 -27.82 -4.41 -10.97
C VAL A 111 -28.49 -3.03 -11.21
N ILE A 112 -28.61 -2.58 -12.45
CA ILE A 112 -29.12 -1.19 -12.76
C ILE A 112 -30.61 -1.15 -12.43
N PRO A 113 -31.49 -1.98 -13.07
CA PRO A 113 -32.91 -2.02 -12.67
C PRO A 113 -33.14 -2.31 -11.19
N ARG A 114 -32.36 -3.23 -10.60
CA ARG A 114 -32.48 -3.54 -9.16
C ARG A 114 -32.14 -2.32 -8.32
N ALA A 115 -31.09 -1.58 -8.70
CA ALA A 115 -30.67 -0.38 -7.95
C ALA A 115 -31.84 0.62 -7.95
N ILE A 116 -32.46 0.81 -9.11
CA ILE A 116 -33.55 1.81 -9.28
C ILE A 116 -34.75 1.45 -8.38
N HIS A 117 -35.21 0.19 -8.43
CA HIS A 117 -36.26 -0.36 -7.54
C HIS A 117 -35.83 -0.09 -6.10
N ASP A 118 -34.59 -0.45 -5.78
CA ASP A 118 -34.03 -0.44 -4.42
C ASP A 118 -34.06 1.00 -3.90
N ILE A 119 -33.58 1.95 -4.71
CA ILE A 119 -33.47 3.36 -4.28
C ILE A 119 -34.88 3.87 -3.95
N PHE A 120 -35.83 3.68 -4.85
CA PHE A 120 -37.22 4.22 -4.71
C PHE A 120 -37.93 3.58 -3.52
N GLN A 121 -37.68 2.30 -3.20
CA GLN A 121 -38.26 1.58 -2.04
C GLN A 121 -37.56 2.13 -0.78
N LYS A 122 -36.24 2.35 -0.81
CA LYS A 122 -35.46 2.72 0.40
C LYS A 122 -35.64 4.21 0.77
N ILE A 123 -35.86 5.12 -0.17
CA ILE A 123 -35.99 6.56 0.24
C ILE A 123 -37.29 6.77 1.04
N LYS A 124 -38.28 5.89 0.90
CA LYS A 124 -39.57 5.91 1.64
C LYS A 124 -39.33 5.71 3.15
N LYS A 125 -38.17 5.19 3.54
CA LYS A 125 -37.81 4.93 4.97
C LYS A 125 -37.22 6.20 5.59
N PHE A 126 -37.26 7.32 4.87
CA PHE A 126 -36.74 8.63 5.31
C PHE A 126 -37.79 9.70 5.00
N PRO A 127 -39.00 9.61 5.63
CA PRO A 127 -40.06 10.58 5.36
C PRO A 127 -39.73 11.99 5.91
N ASP A 128 -38.78 12.06 6.84
CA ASP A 128 -38.19 13.31 7.39
C ASP A 128 -37.46 14.10 6.28
N ARG A 129 -37.06 13.45 5.17
CA ARG A 129 -36.15 14.06 4.15
C ARG A 129 -36.87 14.23 2.81
N GLU A 130 -36.58 15.32 2.10
CA GLU A 130 -37.02 15.53 0.70
C GLU A 130 -35.95 14.98 -0.25
N PHE A 131 -36.33 14.24 -1.29
CA PHE A 131 -35.41 13.65 -2.30
C PHE A 131 -35.72 14.21 -3.69
N LEU A 132 -34.67 14.62 -4.39
CA LEU A 132 -34.71 14.86 -5.85
C LEU A 132 -33.71 13.91 -6.51
N LEU A 133 -34.17 13.22 -7.55
CA LEU A 133 -33.40 12.18 -8.25
C LEU A 133 -33.45 12.50 -9.72
N ARG A 134 -32.31 12.41 -10.41
CA ARG A 134 -32.26 12.50 -11.87
C ARG A 134 -31.23 11.54 -12.45
N VAL A 135 -31.51 11.11 -13.67
CA VAL A 135 -30.73 10.06 -14.36
C VAL A 135 -30.19 10.61 -15.67
N SER A 136 -29.04 10.07 -16.02
CA SER A 136 -28.32 10.28 -17.29
C SER A 136 -27.82 8.92 -17.73
N TYR A 137 -27.64 8.75 -19.03
CA TYR A 137 -27.22 7.49 -19.64
C TYR A 137 -26.39 7.84 -20.87
N MET A 138 -25.12 7.44 -20.87
CA MET A 138 -24.16 7.79 -21.92
C MET A 138 -23.38 6.55 -22.37
N GLU A 139 -22.93 6.59 -23.61
CA GLU A 139 -22.09 5.58 -24.25
C GLU A 139 -20.74 6.22 -24.53
N ILE A 140 -19.66 5.46 -24.37
CA ILE A 140 -18.29 5.86 -24.84
C ILE A 140 -17.84 4.79 -25.81
N TYR A 141 -17.62 5.19 -27.06
CA TYR A 141 -17.21 4.30 -28.16
C TYR A 141 -16.18 5.03 -29.00
N ASN A 142 -15.00 4.41 -29.17
CA ASN A 142 -13.85 5.00 -29.89
C ASN A 142 -13.64 6.43 -29.38
N GLU A 143 -13.57 6.60 -28.05
CA GLU A 143 -13.28 7.89 -27.36
C GLU A 143 -14.33 8.97 -27.71
N THR A 144 -15.50 8.60 -28.22
CA THR A 144 -16.66 9.50 -28.46
C THR A 144 -17.72 9.23 -27.38
N ILE A 145 -18.10 10.26 -26.64
CA ILE A 145 -19.26 10.25 -25.70
C ILE A 145 -20.55 10.62 -26.44
N THR A 146 -21.57 9.77 -26.41
CA THR A 146 -22.94 10.11 -26.88
C THR A 146 -23.96 9.96 -25.73
N ASP A 147 -24.89 10.90 -25.65
CA ASP A 147 -26.04 10.88 -24.71
C ASP A 147 -27.05 9.87 -25.23
N LEU A 148 -27.49 8.90 -24.41
CA LEU A 148 -28.38 7.81 -24.91
C LEU A 148 -29.86 8.20 -24.72
N LEU A 149 -30.13 9.29 -24.03
CA LEU A 149 -31.49 9.68 -23.56
C LEU A 149 -32.11 10.76 -24.46
N CYS A 150 -31.32 11.61 -25.14
CA CYS A 150 -31.88 12.63 -26.09
C CYS A 150 -32.34 11.90 -27.36
N GLY A 151 -32.81 12.60 -28.38
CA GLY A 151 -33.16 11.95 -29.66
C GLY A 151 -31.91 11.39 -30.34
N THR A 152 -32.06 10.40 -31.22
CA THR A 152 -31.00 10.00 -32.20
C THR A 152 -30.57 11.26 -32.95
N GLN A 153 -31.49 12.18 -33.24
CA GLN A 153 -31.19 13.45 -33.97
C GLN A 153 -30.16 14.25 -33.17
N LYS A 154 -30.32 14.35 -31.85
CA LYS A 154 -29.57 15.30 -30.98
C LYS A 154 -28.25 14.67 -30.53
N MET A 155 -28.01 13.40 -30.88
CA MET A 155 -26.77 12.64 -30.51
C MET A 155 -25.58 13.23 -31.27
N LYS A 156 -24.63 13.82 -30.54
CA LYS A 156 -23.37 14.37 -31.08
C LYS A 156 -22.25 14.07 -30.08
N PRO A 157 -20.98 14.05 -30.52
CA PRO A 157 -19.85 14.01 -29.59
C PRO A 157 -19.93 15.08 -28.49
N LEU A 158 -19.91 14.66 -27.23
CA LEU A 158 -19.94 15.59 -26.07
C LEU A 158 -18.55 15.75 -25.51
N ILE A 159 -18.42 16.74 -24.66
CA ILE A 159 -17.13 17.34 -24.24
C ILE A 159 -17.08 17.27 -22.73
N ILE A 160 -15.99 16.74 -22.21
CA ILE A 160 -15.72 16.72 -20.75
C ILE A 160 -15.18 18.09 -20.39
N ARG A 161 -15.77 18.70 -19.38
CA ARG A 161 -15.36 20.04 -18.87
C ARG A 161 -15.27 19.96 -17.36
N GLU A 162 -14.70 20.99 -16.76
CA GLU A 162 -14.58 21.13 -15.28
C GLU A 162 -15.42 22.34 -14.87
N ASP A 163 -15.89 22.31 -13.62
CA ASP A 163 -16.76 23.36 -13.03
C ASP A 163 -15.91 24.20 -12.07
N VAL A 164 -16.57 25.03 -11.26
CA VAL A 164 -15.95 25.94 -10.25
C VAL A 164 -14.93 25.16 -9.39
N ASN A 165 -15.28 23.95 -8.92
CA ASN A 165 -14.38 23.12 -8.07
C ASN A 165 -13.51 22.27 -9.00
N ASN A 167 -14.59 19.93 -10.60
CA ASN A 167 -15.31 18.63 -10.78
C ASN A 167 -15.63 18.45 -12.27
N VAL A 168 -15.28 17.29 -12.81
CA VAL A 168 -15.48 16.95 -14.25
C VAL A 168 -16.99 16.77 -14.46
N TYR A 169 -17.51 17.13 -15.65
CA TYR A 169 -18.91 16.78 -16.04
C TYR A 169 -18.90 16.58 -17.53
N VAL A 170 -19.93 15.97 -18.09
CA VAL A 170 -20.11 15.84 -19.56
C VAL A 170 -21.05 16.96 -20.00
N ALA A 171 -20.54 17.93 -20.76
CA ALA A 171 -21.31 19.13 -21.19
C ALA A 171 -22.51 18.67 -22.00
N ASP A 172 -23.70 19.23 -21.70
CA ASP A 172 -24.95 19.02 -22.46
C ASP A 172 -25.43 17.56 -22.34
N LEU A 173 -24.96 16.78 -21.36
CA LEU A 173 -25.55 15.42 -21.11
C LEU A 173 -26.93 15.62 -20.47
N THR A 174 -27.99 15.15 -21.15
CA THR A 174 -29.38 15.09 -20.57
C THR A 174 -29.31 14.62 -19.11
N GLU A 175 -29.94 15.36 -18.21
CA GLU A 175 -30.32 14.90 -16.86
C GLU A 175 -31.85 14.90 -16.76
N GLU A 176 -32.45 13.74 -16.45
CA GLU A 176 -33.94 13.60 -16.36
C GLU A 176 -34.35 13.35 -14.92
N VAL A 177 -35.07 14.29 -14.30
CA VAL A 177 -35.76 14.17 -12.99
C VAL A 177 -36.74 12.97 -13.04
N VAL A 178 -36.71 12.12 -12.02
CA VAL A 178 -37.57 10.90 -11.94
C VAL A 178 -38.14 10.78 -10.53
N TYR A 179 -39.45 10.54 -10.41
CA TYR A 179 -40.15 10.45 -9.11
C TYR A 179 -40.55 9.00 -8.85
N THR A 180 -40.56 8.18 -9.90
CA THR A 180 -40.96 6.75 -9.80
C THR A 180 -39.86 5.88 -10.40
N SER A 181 -39.78 4.61 -9.99
CA SER A 181 -38.94 3.62 -10.68
C SER A 181 -39.43 3.45 -12.12
N GLU A 182 -40.76 3.50 -12.35
CA GLU A 182 -41.37 3.28 -13.69
C GLU A 182 -40.78 4.29 -14.70
N MET A 183 -40.67 5.56 -14.33
CA MET A 183 -40.18 6.60 -15.26
C MET A 183 -38.66 6.40 -15.42
N ALA A 184 -37.90 6.19 -14.35
CA ALA A 184 -36.44 5.88 -14.45
C ALA A 184 -36.21 4.72 -15.43
N LEU A 185 -37.02 3.66 -15.36
CA LEU A 185 -36.86 2.45 -16.21
C LEU A 185 -37.30 2.77 -17.62
N LYS A 186 -38.23 3.71 -17.82
CA LYS A 186 -38.62 4.14 -19.18
C LYS A 186 -37.45 4.87 -19.83
N TRP A 187 -36.71 5.65 -19.07
CA TRP A 187 -35.51 6.33 -19.62
C TRP A 187 -34.44 5.28 -19.98
N ILE A 188 -34.28 4.25 -19.16
CA ILE A 188 -33.27 3.17 -19.45
C ILE A 188 -33.68 2.44 -20.73
N THR A 189 -34.95 2.08 -20.87
CA THR A 189 -35.50 1.45 -22.11
C THR A 189 -35.18 2.32 -23.31
N LYS A 190 -35.39 3.62 -23.21
CA LYS A 190 -35.15 4.54 -24.34
C LYS A 190 -33.67 4.46 -24.72
N GLY A 191 -32.79 4.67 -23.75
CA GLY A 191 -31.33 4.58 -23.94
C GLY A 191 -30.93 3.24 -24.53
N GLU A 192 -31.52 2.14 -24.07
CA GLU A 192 -31.20 0.77 -24.52
C GLU A 192 -31.54 0.58 -26.01
N LYS A 193 -32.66 1.11 -26.52
CA LYS A 193 -33.00 0.97 -27.96
C LYS A 193 -32.03 1.86 -28.76
N SER A 194 -31.50 2.90 -28.14
CA SER A 194 -30.47 3.81 -28.71
C SER A 194 -29.08 3.14 -28.72
N ARG A 195 -28.75 2.28 -27.73
CA ARG A 195 -27.47 1.49 -27.69
C ARG A 195 -27.58 0.41 -28.78
N HIS A 196 -28.74 -0.25 -28.90
CA HIS A 196 -29.15 -1.22 -29.96
C HIS A 196 -28.86 -0.63 -31.36
N TYR A 197 -29.02 0.68 -31.52
CA TYR A 197 -28.89 1.42 -32.81
C TYR A 197 -27.40 1.49 -33.20
N ASN A 203 -22.13 -2.71 -35.78
CA ASN A 203 -21.77 -4.15 -35.90
C ASN A 203 -20.69 -4.48 -34.87
N GLN A 204 -21.03 -5.32 -33.87
CA GLN A 204 -20.20 -5.71 -32.69
C GLN A 204 -19.89 -4.46 -31.83
N ARG A 205 -20.67 -3.38 -31.96
CA ARG A 205 -20.41 -2.05 -31.33
C ARG A 205 -20.53 -2.14 -29.80
N SER A 206 -21.56 -2.79 -29.27
CA SER A 206 -21.92 -2.73 -27.82
C SER A 206 -20.89 -3.48 -26.98
N SER A 207 -20.14 -4.40 -27.60
CA SER A 207 -19.04 -5.19 -27.01
C SER A 207 -17.75 -4.36 -26.96
N ARG A 208 -17.67 -3.28 -27.74
CA ARG A 208 -16.50 -2.37 -27.79
C ARG A 208 -16.88 -1.02 -27.20
N SER A 209 -18.07 -0.90 -26.61
CA SER A 209 -18.56 0.37 -26.01
C SER A 209 -18.63 0.23 -24.49
N HIS A 210 -18.39 1.33 -23.80
CA HIS A 210 -18.66 1.53 -22.36
C HIS A 210 -20.02 2.25 -22.24
N THR A 211 -20.82 1.87 -21.25
CA THR A 211 -22.08 2.60 -20.91
C THR A 211 -22.04 2.98 -19.43
N ILE A 212 -22.44 4.20 -19.14
CA ILE A 212 -22.48 4.71 -17.75
C ILE A 212 -23.90 5.17 -17.52
N PHE A 213 -24.56 4.50 -16.59
CA PHE A 213 -25.85 4.94 -16.06
C PHE A 213 -25.57 5.70 -14.79
N ARG A 214 -26.09 6.91 -14.67
CA ARG A 214 -25.79 7.74 -13.47
C ARG A 214 -27.11 8.19 -12.86
N MET A 215 -27.19 8.15 -11.54
CA MET A 215 -28.26 8.83 -10.81
C MET A 215 -27.59 9.83 -9.90
N ILE A 216 -28.01 11.08 -10.01
CA ILE A 216 -27.65 12.10 -8.99
C ILE A 216 -28.78 12.13 -7.99
N LEU A 217 -28.46 11.86 -6.73
CA LEU A 217 -29.39 11.89 -5.61
C LEU A 217 -29.08 13.14 -4.81
N GLU A 218 -30.08 14.02 -4.66
CA GLU A 218 -30.01 15.16 -3.71
C GLU A 218 -31.09 14.96 -2.66
N SER A 219 -30.79 15.23 -1.40
CA SER A 219 -31.79 15.24 -0.32
C SER A 219 -31.50 16.35 0.69
N ARG A 220 -32.54 16.76 1.43
CA ARG A 220 -32.51 17.72 2.57
C ARG A 220 -33.66 17.40 3.53
N GLU A 221 -33.57 17.87 4.77
CA GLU A 221 -34.63 17.69 5.80
C GLU A 221 -35.89 18.45 5.38
N LYS A 222 -37.07 17.87 5.55
CA LYS A 222 -38.39 18.49 5.24
C LYS A 222 -38.81 19.46 6.37
N GLY A 230 -30.85 24.65 5.72
CA GLY A 230 -31.08 23.30 5.15
C GLY A 230 -29.98 22.92 4.16
N SER A 231 -28.88 22.37 4.66
CA SER A 231 -27.79 21.78 3.85
C SER A 231 -28.35 20.63 3.00
N VAL A 232 -27.71 20.38 1.85
CA VAL A 232 -28.16 19.39 0.83
C VAL A 232 -27.08 18.31 0.68
N LYS A 233 -27.46 17.03 0.85
CA LYS A 233 -26.60 15.86 0.50
C LYS A 233 -26.68 15.61 -1.01
N VAL A 234 -25.53 15.53 -1.70
CA VAL A 234 -25.42 15.30 -3.17
C VAL A 234 -24.53 14.06 -3.37
N SER A 235 -25.03 13.02 -4.02
CA SER A 235 -24.21 11.83 -4.35
C SER A 235 -24.42 11.47 -5.82
N HIS A 236 -23.35 11.06 -6.49
CA HIS A 236 -23.42 10.59 -7.89
C HIS A 236 -23.27 9.05 -7.80
N LEU A 237 -24.27 8.32 -8.29
CA LEU A 237 -24.23 6.84 -8.36
C LEU A 237 -23.99 6.47 -9.82
N ASN A 238 -22.78 5.99 -10.14
CA ASN A 238 -22.44 5.59 -11.53
C ASN A 238 -22.44 4.06 -11.60
N LEU A 239 -23.12 3.50 -12.60
CA LEU A 239 -23.22 2.03 -12.82
C LEU A 239 -22.74 1.82 -14.25
N VAL A 240 -21.62 1.12 -14.37
CA VAL A 240 -20.81 1.11 -15.61
C VAL A 240 -20.71 -0.29 -16.15
N ASP A 241 -21.12 -0.49 -17.39
CA ASP A 241 -20.92 -1.74 -18.17
C ASP A 241 -19.76 -1.47 -19.16
N LEU A 242 -18.56 -2.00 -18.86
CA LEU A 242 -17.35 -1.68 -19.69
C LEU A 242 -17.33 -2.44 -21.01
N ALA A 243 -16.54 -1.92 -21.95
CA ALA A 243 -16.15 -2.61 -23.21
C ALA A 243 -15.43 -3.91 -22.81
N GLY A 244 -15.51 -4.91 -23.65
CA GLY A 244 -14.91 -6.25 -23.44
C GLY A 244 -13.41 -6.14 -23.24
N SER A 245 -12.89 -6.82 -22.22
CA SER A 245 -11.45 -6.76 -21.85
C SER A 245 -10.58 -7.56 -22.83
N GLU A 246 -11.11 -8.34 -23.77
CA GLU A 246 -10.25 -8.94 -24.85
C GLU A 246 -9.35 -7.86 -25.46
N ARG A 247 -9.83 -6.61 -25.52
CA ARG A 247 -9.15 -5.47 -26.21
C ARG A 247 -8.40 -4.60 -25.19
N ALA A 248 -8.13 -5.13 -23.98
CA ALA A 248 -7.47 -4.42 -22.84
C ALA A 248 -5.98 -4.21 -23.13
N ALA A 249 -5.26 -5.29 -23.49
CA ALA A 249 -3.86 -5.28 -23.97
C ALA A 249 -3.55 -6.59 -24.70
N LEU A 258 5.33 -4.44 -27.85
CA LEU A 258 3.88 -4.16 -27.71
C LEU A 258 3.30 -3.74 -29.08
N LYS A 259 2.93 -4.71 -29.93
CA LYS A 259 2.64 -4.51 -31.38
C LYS A 259 1.14 -4.75 -31.67
N GLU A 260 0.75 -4.63 -32.94
CA GLU A 260 -0.63 -4.91 -33.44
C GLU A 260 -0.68 -6.30 -34.10
N GLY A 261 -0.46 -7.34 -33.30
CA GLY A 261 -0.94 -8.71 -33.55
C GLY A 261 -2.46 -8.73 -33.55
N CYS A 262 -3.11 -7.96 -32.63
CA CYS A 262 -4.58 -7.72 -32.58
C CYS A 262 -4.91 -6.38 -31.89
N ASN A 263 -6.21 -6.15 -31.60
CA ASN A 263 -6.85 -4.82 -31.39
C ASN A 263 -6.73 -4.35 -29.93
N ILE A 264 -6.80 -3.03 -29.70
CA ILE A 264 -6.60 -2.35 -28.39
C ILE A 264 -7.63 -1.24 -28.20
N ASN A 265 -8.38 -1.26 -27.09
CA ASN A 265 -9.30 -0.18 -26.66
C ASN A 265 -8.49 0.78 -25.77
N ARG A 266 -8.48 2.08 -26.07
CA ARG A 266 -7.58 3.06 -25.41
C ARG A 266 -8.02 3.24 -23.96
N SER A 267 -9.31 3.46 -23.76
CA SER A 267 -9.98 3.63 -22.43
C SER A 267 -9.59 2.46 -21.51
N LEU A 268 -9.64 1.22 -21.99
CA LEU A 268 -9.36 0.02 -21.13
C LEU A 268 -7.87 -0.03 -20.80
N PHE A 269 -7.01 0.24 -21.80
CA PHE A 269 -5.56 0.29 -21.56
C PHE A 269 -5.27 1.34 -20.51
N ILE A 270 -5.85 2.54 -20.63
CA ILE A 270 -5.57 3.66 -19.66
C ILE A 270 -6.21 3.36 -18.31
N LEU A 271 -7.41 2.77 -18.29
CA LEU A 271 -8.03 2.29 -17.03
C LEU A 271 -7.03 1.38 -16.30
N GLY A 272 -6.47 0.39 -17.00
CA GLY A 272 -5.46 -0.54 -16.45
C GLY A 272 -4.31 0.23 -15.86
N GLN A 273 -3.79 1.17 -16.65
CA GLN A 273 -2.58 1.93 -16.29
C GLN A 273 -2.87 2.73 -15.02
N VAL A 274 -4.00 3.46 -15.02
CA VAL A 274 -4.40 4.31 -13.86
C VAL A 274 -4.53 3.46 -12.60
N ILE A 275 -5.24 2.34 -12.70
CA ILE A 275 -5.45 1.47 -11.50
C ILE A 275 -4.11 0.87 -11.08
N LYS A 276 -3.26 0.50 -12.01
CA LYS A 276 -1.90 -0.05 -11.66
C LYS A 276 -1.11 1.00 -10.87
N LYS A 277 -1.12 2.26 -11.32
CA LYS A 277 -0.34 3.34 -10.66
C LYS A 277 -0.89 3.60 -9.28
N LEU A 278 -2.22 3.65 -9.12
CA LEU A 278 -2.85 3.87 -7.79
C LEU A 278 -2.48 2.73 -6.84
N SER A 279 -2.55 1.47 -7.29
CA SER A 279 -2.33 0.29 -6.40
C SER A 279 -0.86 0.23 -5.97
N ASP A 280 0.06 0.81 -6.74
CA ASP A 280 1.51 0.88 -6.41
C ASP A 280 1.80 2.02 -5.42
N GLY A 281 0.81 2.83 -5.07
CA GLY A 281 0.93 3.87 -4.03
C GLY A 281 1.22 5.25 -4.60
N GLN A 282 1.17 5.45 -5.92
CA GLN A 282 1.29 6.80 -6.54
C GLN A 282 0.01 7.64 -6.34
N VAL A 283 0.17 8.96 -6.50
CA VAL A 283 -0.89 10.01 -6.32
C VAL A 283 -0.58 11.16 -7.29
N GLY A 284 -1.59 11.96 -7.66
CA GLY A 284 -1.42 13.24 -8.39
C GLY A 284 -1.07 13.06 -9.85
N GLY A 285 -0.13 13.90 -10.36
CA GLY A 285 0.13 14.13 -11.80
C GLY A 285 0.80 12.94 -12.48
N PHE A 286 1.24 11.97 -11.67
CA PHE A 286 1.74 10.64 -12.13
C PHE A 286 0.59 9.87 -12.80
N ILE A 287 -0.66 10.19 -12.43
CA ILE A 287 -1.86 9.38 -12.80
C ILE A 287 -2.55 10.00 -14.02
N ASN A 288 -2.44 9.33 -15.16
CA ASN A 288 -2.85 9.84 -16.50
C ASN A 288 -4.37 9.67 -16.73
N TYR A 289 -5.20 10.16 -15.82
CA TYR A 289 -6.69 10.15 -15.97
C TYR A 289 -7.10 10.73 -17.32
N ARG A 290 -6.41 11.80 -17.77
CA ARG A 290 -6.83 12.58 -18.96
C ARG A 290 -6.57 11.82 -20.26
N ASP A 291 -5.80 10.73 -20.25
CA ASP A 291 -5.47 10.00 -21.50
C ASP A 291 -6.65 9.29 -22.11
N SER A 292 -7.80 9.17 -21.43
CA SER A 292 -9.00 8.57 -22.06
C SER A 292 -10.25 9.27 -21.53
N LYS A 293 -11.30 9.26 -22.30
CA LYS A 293 -12.61 9.82 -21.88
C LYS A 293 -13.11 9.08 -20.61
N LEU A 294 -12.98 7.76 -20.60
CA LEU A 294 -13.52 6.92 -19.51
C LEU A 294 -12.85 7.31 -18.20
N THR A 295 -11.52 7.35 -18.15
CA THR A 295 -10.78 7.62 -16.89
C THR A 295 -10.96 9.07 -16.47
N ARG A 296 -11.13 9.97 -17.42
CA ARG A 296 -11.32 11.39 -17.04
C ARG A 296 -12.73 11.56 -16.46
N ILE A 297 -13.75 11.06 -17.15
CA ILE A 297 -15.15 11.15 -16.60
C ILE A 297 -15.23 10.56 -15.19
N LEU A 298 -14.66 9.37 -14.98
CA LEU A 298 -14.83 8.61 -13.71
C LEU A 298 -13.60 8.77 -12.84
N GLN A 299 -12.78 9.78 -13.09
CA GLN A 299 -11.52 10.01 -12.35
C GLN A 299 -11.77 9.94 -10.84
N ASN A 300 -12.87 10.53 -10.39
CA ASN A 300 -13.22 10.55 -8.94
C ASN A 300 -13.53 9.12 -8.44
N SER A 301 -13.85 8.16 -9.30
CA SER A 301 -14.14 6.75 -8.84
C SER A 301 -12.84 5.95 -8.63
N LEU A 302 -11.72 6.49 -9.09
CA LEU A 302 -10.42 5.79 -9.16
C LEU A 302 -9.40 6.54 -8.30
N GLY A 303 -9.41 6.25 -7.00
CA GLY A 303 -8.53 6.85 -6.00
C GLY A 303 -9.12 8.10 -5.34
N GLY A 304 -10.34 8.50 -5.71
CA GLY A 304 -10.95 9.78 -5.32
C GLY A 304 -12.01 9.63 -4.25
N ASN A 305 -13.03 10.49 -4.29
CA ASN A 305 -13.98 10.72 -3.18
C ASN A 305 -14.96 9.56 -2.97
N PRO A 306 -15.24 8.64 -3.91
CA PRO A 306 -16.31 7.65 -3.77
C PRO A 306 -16.03 6.21 -3.32
N LYS A 307 -17.12 5.50 -3.07
CA LYS A 307 -17.11 4.03 -2.81
C LYS A 307 -17.19 3.29 -4.15
N THR A 308 -16.17 2.49 -4.46
CA THR A 308 -16.07 1.86 -5.79
C THR A 308 -16.09 0.34 -5.63
N ARG A 309 -16.85 -0.35 -6.50
CA ARG A 309 -16.92 -1.83 -6.53
C ARG A 309 -16.70 -2.23 -7.98
N ILE A 310 -15.89 -3.25 -8.18
CA ILE A 310 -15.69 -3.85 -9.53
C ILE A 310 -16.21 -5.29 -9.44
N ILE A 311 -17.05 -5.66 -10.41
CA ILE A 311 -17.55 -7.03 -10.64
C ILE A 311 -16.82 -7.47 -11.89
N CYS A 312 -15.83 -8.33 -11.69
CA CYS A 312 -15.06 -8.99 -12.77
C CYS A 312 -15.80 -10.22 -13.24
N THR A 313 -16.36 -10.21 -14.46
CA THR A 313 -17.12 -11.37 -14.99
C THR A 313 -16.16 -12.23 -15.82
N ILE A 314 -16.22 -13.54 -15.67
CA ILE A 314 -15.27 -14.47 -16.38
C ILE A 314 -16.05 -15.68 -16.90
N THR A 315 -15.62 -16.22 -18.04
CA THR A 315 -16.10 -17.53 -18.55
C THR A 315 -15.00 -18.54 -18.25
N PRO A 316 -15.31 -19.65 -17.55
CA PRO A 316 -14.27 -20.57 -17.11
C PRO A 316 -13.65 -21.41 -18.24
N VAL A 317 -14.27 -21.39 -19.42
CA VAL A 317 -13.73 -22.06 -20.65
C VAL A 317 -12.80 -21.10 -21.40
N SER A 318 -12.51 -19.91 -20.86
CA SER A 318 -11.49 -19.01 -21.45
C SER A 318 -10.25 -19.08 -20.58
N PHE A 319 -9.07 -19.25 -21.16
CA PHE A 319 -7.81 -19.17 -20.38
C PHE A 319 -7.26 -17.74 -20.40
N ASP A 320 -6.74 -17.29 -21.52
CA ASP A 320 -5.92 -16.04 -21.64
C ASP A 320 -6.76 -14.81 -21.25
N GLU A 321 -7.98 -14.69 -21.76
CA GLU A 321 -8.82 -13.49 -21.51
C GLU A 321 -9.25 -13.46 -20.03
N THR A 322 -9.57 -14.63 -19.44
CA THR A 322 -9.87 -14.76 -17.99
C THR A 322 -8.65 -14.33 -17.18
N LEU A 323 -7.46 -14.83 -17.55
CA LEU A 323 -6.22 -14.50 -16.82
C LEU A 323 -6.03 -12.96 -16.80
N THR A 324 -6.12 -12.30 -17.95
CA THR A 324 -5.95 -10.81 -18.08
C THR A 324 -6.97 -10.12 -17.14
N ALA A 325 -8.22 -10.58 -17.15
CA ALA A 325 -9.31 -9.98 -16.33
C ALA A 325 -9.00 -10.15 -14.84
N LEU A 326 -8.57 -11.35 -14.40
CA LEU A 326 -8.27 -11.60 -12.96
C LEU A 326 -7.06 -10.80 -12.48
N GLN A 327 -6.03 -10.61 -13.31
CA GLN A 327 -4.86 -9.72 -13.00
C GLN A 327 -5.34 -8.27 -12.82
N PHE A 328 -6.14 -7.80 -13.75
CA PHE A 328 -6.77 -6.44 -13.61
C PHE A 328 -7.52 -6.35 -12.26
N ALA A 329 -8.44 -7.29 -12.02
CA ALA A 329 -9.33 -7.31 -10.83
C ALA A 329 -8.46 -7.36 -9.57
N SER A 330 -7.45 -8.22 -9.57
CA SER A 330 -6.53 -8.39 -8.43
C SER A 330 -5.80 -7.08 -8.13
N THR A 331 -5.16 -6.47 -9.14
CA THR A 331 -4.55 -5.12 -8.98
C THR A 331 -5.57 -4.15 -8.34
N ALA A 332 -6.79 -4.12 -8.87
CA ALA A 332 -7.83 -3.14 -8.45
C ALA A 332 -8.13 -3.24 -6.96
N LYS A 333 -7.99 -4.42 -6.34
CA LYS A 333 -8.32 -4.66 -4.91
C LYS A 333 -7.57 -3.69 -4.02
N TYR A 334 -6.36 -3.29 -4.41
CA TYR A 334 -5.42 -2.52 -3.55
C TYR A 334 -5.53 -1.03 -3.86
N MET A 335 -6.37 -0.63 -4.82
CA MET A 335 -6.68 0.82 -5.05
C MET A 335 -7.34 1.39 -3.78
N LYS A 336 -6.92 2.59 -3.39
CA LYS A 336 -7.34 3.27 -2.13
C LYS A 336 -8.16 4.51 -2.49
N ASN A 337 -9.44 4.52 -2.11
CA ASN A 337 -10.36 5.67 -2.27
C ASN A 337 -10.54 6.27 -0.87
N THR A 338 -10.90 7.54 -0.79
CA THR A 338 -11.15 8.27 0.47
C THR A 338 -12.54 8.89 0.36
N PRO A 339 -13.61 8.11 0.62
CA PRO A 339 -14.98 8.63 0.51
C PRO A 339 -15.48 9.37 1.74
N TYR A 340 -16.17 10.49 1.53
CA TYR A 340 -16.92 11.23 2.59
C TYR A 340 -18.30 11.67 2.05
N VAL A 341 -19.19 11.95 2.99
CA VAL A 341 -20.55 12.53 2.76
C VAL A 341 -20.37 13.89 2.08
N ASN A 342 -21.10 14.11 0.97
CA ASN A 342 -21.07 15.38 0.22
C ASN A 342 -22.29 16.21 0.67
N GLU A 343 -22.08 17.16 1.59
CA GLU A 343 -23.09 18.11 2.13
C GLU A 343 -22.76 19.52 1.66
N VAL A 344 -23.66 20.18 0.95
CA VAL A 344 -23.41 21.55 0.41
C VAL A 344 -24.26 22.59 1.18
N SER A 345 -23.90 23.87 0.98
CA SER A 345 -24.59 25.07 1.50
C SER A 345 -25.96 25.23 0.82
N GLU B 10 16.30 15.63 -0.35
CA GLU B 10 16.62 15.38 1.09
C GLU B 10 17.35 14.03 1.19
N GLY B 11 16.62 12.91 1.18
CA GLY B 11 17.20 11.55 1.35
C GLY B 11 17.82 11.40 2.72
N ALA B 12 17.22 12.01 3.75
CA ALA B 12 17.72 11.98 5.14
C ALA B 12 17.11 10.79 5.88
N VAL B 13 15.91 10.34 5.50
CA VAL B 13 15.24 9.16 6.09
C VAL B 13 14.79 8.26 4.95
N ALA B 14 15.07 6.96 5.00
CA ALA B 14 14.57 6.00 4.00
C ALA B 14 14.23 4.70 4.71
N VAL B 15 13.21 4.04 4.21
CA VAL B 15 12.71 2.77 4.79
C VAL B 15 12.71 1.74 3.68
N CYS B 16 13.13 0.52 3.98
CA CYS B 16 12.99 -0.63 3.07
C CYS B 16 12.44 -1.78 3.87
N VAL B 17 12.02 -2.84 3.18
CA VAL B 17 11.52 -4.08 3.81
C VAL B 17 12.39 -5.20 3.26
N ARG B 18 12.63 -6.22 4.08
CA ARG B 18 13.31 -7.43 3.63
C ARG B 18 12.41 -8.61 3.99
N VAL B 19 11.92 -9.30 2.98
CA VAL B 19 11.10 -10.53 3.15
C VAL B 19 12.09 -11.67 3.31
N ARG B 20 11.94 -12.46 4.36
CA ARG B 20 12.82 -13.65 4.51
C ARG B 20 12.19 -14.77 3.68
N PRO B 21 13.02 -15.66 3.10
CA PRO B 21 12.53 -16.81 2.35
C PRO B 21 11.93 -17.82 3.32
N LEU B 22 11.13 -18.76 2.81
CA LEU B 22 10.39 -19.77 3.63
C LEU B 22 11.38 -20.81 4.18
N ASN B 23 11.18 -21.25 5.43
CA ASN B 23 12.10 -22.16 6.17
C ASN B 23 11.57 -23.61 6.09
N SER B 24 12.01 -24.50 7.00
CA SER B 24 11.72 -25.97 7.00
C SER B 24 10.81 -26.32 8.18
N ALA B 33 0.48 -23.99 6.15
CA ALA B 33 1.74 -23.40 5.63
C ALA B 33 1.46 -22.03 4.94
N GLN B 34 0.52 -21.23 5.45
CA GLN B 34 -0.20 -20.18 4.66
C GLN B 34 0.63 -18.88 4.53
N VAL B 35 0.90 -18.47 3.30
CA VAL B 35 1.59 -17.21 2.91
C VAL B 35 0.56 -16.07 2.91
N TYR B 36 0.65 -15.13 3.84
CA TYR B 36 -0.30 -13.99 3.99
C TYR B 36 0.11 -12.80 3.12
N TRP B 37 1.36 -12.76 2.66
CA TRP B 37 1.96 -11.58 2.01
C TRP B 37 2.75 -11.99 0.78
N LYS B 38 2.71 -11.16 -0.24
CA LYS B 38 3.46 -11.33 -1.50
C LYS B 38 3.97 -9.96 -1.89
N THR B 39 4.99 -9.91 -2.71
CA THR B 39 5.71 -8.68 -3.09
C THR B 39 5.83 -8.63 -4.60
N ASP B 40 5.60 -7.44 -5.19
N ASP B 40 5.34 -7.56 -5.23
CA ASP B 40 5.99 -7.08 -6.58
CA ASP B 40 5.59 -7.25 -6.65
C ASP B 40 6.42 -5.60 -6.62
C ASP B 40 6.32 -5.92 -6.68
N ASN B 41 7.62 -5.35 -7.17
N ASN B 41 7.57 -5.93 -7.14
CA ASN B 41 8.16 -4.01 -7.50
CA ASN B 41 8.43 -4.73 -7.06
C ASN B 41 7.89 -3.00 -6.38
C ASN B 41 8.58 -4.37 -5.59
N ASN B 42 8.32 -3.36 -5.17
N ASN B 42 8.37 -3.09 -5.30
CA ASN B 42 8.44 -2.45 -4.00
CA ASN B 42 8.48 -2.50 -3.93
C ASN B 42 7.09 -2.25 -3.33
C ASN B 42 7.09 -2.26 -3.36
N VAL B 43 6.16 -3.20 -3.54
CA VAL B 43 4.81 -3.16 -2.93
C VAL B 43 4.62 -4.52 -2.26
N ILE B 44 4.17 -4.52 -1.00
CA ILE B 44 3.83 -5.75 -0.26
C ILE B 44 2.30 -5.73 -0.12
N TYR B 45 1.68 -6.82 -0.53
CA TYR B 45 0.22 -7.00 -0.72
C TYR B 45 -0.24 -8.11 0.22
N GLN B 46 -1.36 -7.92 0.91
CA GLN B 46 -2.10 -9.01 1.59
C GLN B 46 -2.74 -9.87 0.52
N VAL B 47 -2.48 -11.17 0.54
CA VAL B 47 -2.99 -12.13 -0.48
C VAL B 47 -4.50 -12.28 -0.25
N ASP B 48 -4.89 -12.33 1.03
CA ASP B 48 -6.23 -12.76 1.48
C ASP B 48 -7.05 -11.51 1.77
N GLY B 49 -6.63 -10.33 1.31
CA GLY B 49 -7.37 -9.08 1.60
C GLY B 49 -6.99 -7.95 0.68
N SER B 50 -7.12 -6.70 1.13
CA SER B 50 -6.95 -5.49 0.28
C SER B 50 -5.88 -4.57 0.86
N LYS B 51 -5.19 -5.01 1.90
CA LYS B 51 -4.07 -4.23 2.52
C LYS B 51 -2.86 -4.27 1.59
N SER B 52 -2.23 -3.13 1.37
CA SER B 52 -0.96 -3.08 0.62
C SER B 52 -0.10 -1.92 1.14
N PHE B 53 1.23 -2.03 1.00
CA PHE B 53 2.21 -1.05 1.53
C PHE B 53 3.34 -0.87 0.52
N ASN B 54 3.63 0.35 0.16
CA ASN B 54 4.71 0.61 -0.84
C ASN B 54 5.89 1.26 -0.13
N PHE B 55 7.09 0.85 -0.49
CA PHE B 55 8.36 1.35 0.08
C PHE B 55 9.31 1.68 -1.07
N ASP B 56 10.35 2.44 -0.77
CA ASP B 56 11.40 2.79 -1.77
C ASP B 56 12.05 1.50 -2.26
N ARG B 57 12.11 0.46 -1.44
CA ARG B 57 12.75 -0.81 -1.82
C ARG B 57 12.18 -1.92 -0.94
N VAL B 58 11.80 -3.03 -1.57
CA VAL B 58 11.47 -4.30 -0.88
C VAL B 58 12.40 -5.33 -1.45
N PHE B 59 13.11 -6.04 -0.57
CA PHE B 59 14.03 -7.13 -0.93
C PHE B 59 13.22 -8.41 -0.79
N HIS B 60 13.27 -9.29 -1.79
CA HIS B 60 12.50 -10.55 -1.88
C HIS B 60 13.32 -11.63 -1.17
N GLY B 61 12.70 -12.77 -0.84
CA GLY B 61 13.31 -13.92 -0.15
C GLY B 61 14.68 -14.33 -0.67
N ASN B 62 14.95 -14.10 -1.95
CA ASN B 62 16.19 -14.61 -2.59
C ASN B 62 17.25 -13.51 -2.70
N GLU B 63 16.99 -12.27 -2.26
CA GLU B 63 18.04 -11.22 -2.33
C GLU B 63 18.96 -11.39 -1.10
N THR B 64 20.26 -11.09 -1.28
CA THR B 64 21.34 -11.38 -0.32
C THR B 64 21.59 -10.18 0.60
N THR B 65 22.20 -10.41 1.76
CA THR B 65 22.61 -9.33 2.69
C THR B 65 23.58 -8.42 1.94
N LYS B 66 24.37 -8.98 1.00
CA LYS B 66 25.31 -8.17 0.20
C LYS B 66 24.53 -7.12 -0.59
N ASN B 67 23.42 -7.50 -1.24
CA ASN B 67 22.56 -6.55 -2.00
C ASN B 67 21.99 -5.50 -1.02
N VAL B 68 21.50 -5.96 0.11
CA VAL B 68 20.89 -5.03 1.12
C VAL B 68 21.98 -4.04 1.55
N TYR B 69 23.18 -4.55 1.89
CA TYR B 69 24.29 -3.69 2.38
C TYR B 69 24.57 -2.60 1.36
N GLU B 70 24.71 -3.04 0.11
CA GLU B 70 25.24 -2.19 -0.99
C GLU B 70 24.21 -1.12 -1.32
N GLU B 71 22.93 -1.47 -1.35
CA GLU B 71 21.85 -0.49 -1.70
C GLU B 71 21.54 0.39 -0.49
N ILE B 72 21.50 -0.17 0.71
CA ILE B 72 20.96 0.59 1.88
C ILE B 72 22.09 1.20 2.69
N ALA B 73 23.09 0.41 3.11
CA ALA B 73 24.09 0.81 4.13
C ALA B 73 25.29 1.54 3.50
N ALA B 74 25.82 1.07 2.36
CA ALA B 74 27.05 1.63 1.73
C ALA B 74 26.95 3.15 1.62
N PRO B 75 25.84 3.75 1.14
CA PRO B 75 25.74 5.20 1.06
C PRO B 75 25.83 5.88 2.45
N ILE B 76 25.40 5.19 3.50
CA ILE B 76 25.42 5.76 4.88
C ILE B 76 26.87 5.74 5.37
N ILE B 77 27.62 4.68 5.06
CA ILE B 77 29.08 4.58 5.39
C ILE B 77 29.79 5.72 4.67
N ASP B 78 29.48 5.94 3.38
CA ASP B 78 30.03 7.06 2.57
C ASP B 78 29.75 8.38 3.29
N SER B 79 28.51 8.62 3.73
CA SER B 79 28.07 9.87 4.40
C SER B 79 28.78 10.04 5.75
N ALA B 80 29.02 8.94 6.46
CA ALA B 80 29.70 8.94 7.78
C ALA B 80 31.15 9.42 7.59
N ILE B 81 31.80 8.95 6.52
CA ILE B 81 33.20 9.33 6.19
C ILE B 81 33.21 10.82 5.83
N GLN B 82 32.11 11.35 5.29
CA GLN B 82 31.96 12.79 4.94
C GLN B 82 31.53 13.63 6.17
N GLY B 83 31.32 13.00 7.33
CA GLY B 83 31.04 13.69 8.61
C GLY B 83 29.55 13.84 8.92
N TYR B 84 28.70 13.05 8.28
CA TYR B 84 27.27 12.95 8.67
C TYR B 84 27.09 11.85 9.70
N ASN B 85 26.32 12.12 10.76
CA ASN B 85 25.74 11.06 11.62
C ASN B 85 24.87 10.14 10.75
N GLY B 86 24.93 8.84 10.97
CA GLY B 86 24.19 7.83 10.21
C GLY B 86 23.72 6.74 11.14
N THR B 87 22.47 6.32 11.00
CA THR B 87 21.87 5.27 11.85
C THR B 87 21.12 4.32 10.94
N ILE B 88 21.32 3.02 11.16
CA ILE B 88 20.59 1.94 10.47
C ILE B 88 20.00 1.07 11.56
N PHE B 89 18.68 0.94 11.53
CA PHE B 89 17.88 0.05 12.39
C PHE B 89 17.44 -1.15 11.58
N ALA B 90 17.47 -2.34 12.19
CA ALA B 90 16.68 -3.51 11.78
C ALA B 90 15.52 -3.64 12.75
N TYR B 91 14.30 -3.61 12.23
CA TYR B 91 13.01 -3.63 12.97
C TYR B 91 12.18 -4.80 12.44
N GLY B 92 11.59 -5.60 13.32
CA GLY B 92 10.70 -6.65 12.86
C GLY B 92 10.56 -7.74 13.88
N GLN B 93 9.66 -8.67 13.58
CA GLN B 93 9.29 -9.83 14.42
C GLN B 93 10.54 -10.66 14.75
N THR B 94 10.54 -11.32 15.92
CA THR B 94 11.52 -12.39 16.23
C THR B 94 11.43 -13.42 15.11
N ALA B 95 12.60 -13.86 14.62
CA ALA B 95 12.80 -14.88 13.57
C ALA B 95 12.53 -14.29 12.18
N SER B 96 12.40 -12.96 12.03
CA SER B 96 12.13 -12.35 10.70
C SER B 96 13.42 -12.06 9.94
N GLY B 97 14.58 -11.95 10.61
CA GLY B 97 15.88 -11.78 9.94
C GLY B 97 16.67 -10.54 10.34
N LYS B 98 16.37 -9.89 11.47
CA LYS B 98 17.10 -8.70 11.96
C LYS B 98 18.60 -9.03 12.14
N THR B 99 18.92 -10.10 12.88
CA THR B 99 20.32 -10.46 13.23
C THR B 99 20.99 -11.05 12.00
N TYR B 100 20.26 -11.85 11.22
CA TYR B 100 20.72 -12.35 9.90
C TYR B 100 21.19 -11.16 9.07
N THR B 101 20.42 -10.07 9.02
CA THR B 101 20.72 -8.88 8.18
C THR B 101 21.88 -8.06 8.76
N MET B 102 21.87 -7.80 10.07
CA MET B 102 22.83 -6.84 10.69
C MET B 102 24.17 -7.53 11.05
N MET B 103 24.16 -8.80 11.45
CA MET B 103 25.40 -9.53 11.87
C MET B 103 25.72 -10.67 10.89
N GLY B 104 24.74 -11.50 10.53
CA GLY B 104 24.93 -12.60 9.56
C GLY B 104 25.90 -13.65 10.10
N SER B 105 26.69 -14.26 9.23
CA SER B 105 27.70 -15.30 9.55
C SER B 105 28.86 -15.24 8.55
N GLU B 106 29.86 -16.12 8.73
CA GLU B 106 31.12 -16.14 7.93
C GLU B 106 30.77 -16.22 6.44
N ASP B 107 29.85 -17.12 6.09
CA ASP B 107 29.45 -17.44 4.69
C ASP B 107 28.55 -16.32 4.14
N HIS B 108 27.85 -15.56 4.98
CA HIS B 108 27.10 -14.36 4.54
C HIS B 108 27.09 -13.27 5.63
N LEU B 109 28.04 -12.35 5.51
CA LEU B 109 28.29 -11.30 6.52
C LEU B 109 27.11 -10.33 6.54
N GLY B 110 26.77 -9.85 7.74
CA GLY B 110 25.71 -8.86 7.96
C GLY B 110 26.18 -7.46 7.66
N VAL B 111 25.31 -6.48 7.86
CA VAL B 111 25.58 -5.04 7.58
C VAL B 111 26.76 -4.58 8.45
N ILE B 112 26.86 -5.07 9.70
CA ILE B 112 27.89 -4.58 10.67
C ILE B 112 29.29 -4.99 10.18
N PRO B 113 29.60 -6.29 10.01
CA PRO B 113 30.90 -6.71 9.46
C PRO B 113 31.19 -6.11 8.07
N ARG B 114 30.19 -6.04 7.19
CA ARG B 114 30.38 -5.43 5.84
C ARG B 114 30.73 -3.96 5.99
N ALA B 115 30.06 -3.25 6.89
CA ALA B 115 30.33 -1.80 7.09
C ALA B 115 31.80 -1.63 7.49
N ILE B 116 32.28 -2.46 8.42
CA ILE B 116 33.65 -2.35 8.96
C ILE B 116 34.68 -2.59 7.85
N HIS B 117 34.54 -3.68 7.08
CA HIS B 117 35.39 -3.95 5.88
C HIS B 117 35.35 -2.74 4.95
N ASP B 118 34.12 -2.26 4.67
CA ASP B 118 33.84 -1.17 3.73
C ASP B 118 34.54 0.10 4.20
N ILE B 119 34.41 0.44 5.49
CA ILE B 119 34.94 1.73 6.03
C ILE B 119 36.47 1.70 5.90
N PHE B 120 37.10 0.60 6.28
CA PHE B 120 38.58 0.51 6.33
C PHE B 120 39.16 0.52 4.91
N GLN B 121 38.44 -0.03 3.95
CA GLN B 121 38.84 -0.04 2.51
C GLN B 121 38.58 1.37 1.96
N LYS B 122 37.50 2.05 2.34
CA LYS B 122 37.10 3.34 1.74
C LYS B 122 37.94 4.52 2.29
N ILE B 123 38.41 4.49 3.53
CA ILE B 123 39.17 5.67 4.05
C ILE B 123 40.52 5.76 3.32
N LYS B 124 41.02 4.66 2.73
CA LYS B 124 42.27 4.61 1.93
C LYS B 124 42.17 5.52 0.69
N LYS B 125 40.96 5.89 0.27
CA LYS B 125 40.73 6.75 -0.92
C LYS B 125 40.84 8.23 -0.54
N PHE B 126 41.24 8.52 0.70
CA PHE B 126 41.45 9.89 1.21
C PHE B 126 42.79 9.96 1.94
N PRO B 127 43.92 9.74 1.23
CA PRO B 127 45.25 9.73 1.87
C PRO B 127 45.67 11.12 2.36
N ASP B 128 45.04 12.16 1.83
CA ASP B 128 45.17 13.58 2.27
C ASP B 128 44.68 13.77 3.72
N ARG B 129 43.83 12.86 4.23
CA ARG B 129 43.11 13.05 5.52
C ARG B 129 43.58 12.03 6.55
N GLU B 130 43.67 12.46 7.81
CA GLU B 130 43.97 11.57 8.97
C GLU B 130 42.64 11.09 9.56
N PHE B 131 42.50 9.78 9.80
CA PHE B 131 41.28 9.17 10.38
C PHE B 131 41.58 8.56 11.74
N LEU B 132 40.75 8.91 12.73
CA LEU B 132 40.66 8.19 14.03
C LEU B 132 39.26 7.57 14.15
N LEU B 133 39.22 6.27 14.40
CA LEU B 133 37.98 5.47 14.47
C LEU B 133 37.95 4.76 15.82
N ARG B 134 36.81 4.78 16.51
CA ARG B 134 36.62 3.97 17.73
C ARG B 134 35.21 3.40 17.79
N VAL B 135 35.09 2.24 18.42
CA VAL B 135 33.85 1.45 18.44
C VAL B 135 33.42 1.26 19.90
N SER B 136 32.11 1.16 20.06
CA SER B 136 31.40 0.79 21.29
C SER B 136 30.33 -0.19 20.87
N TYR B 137 29.90 -1.02 21.80
CA TYR B 137 28.87 -2.05 21.60
C TYR B 137 28.12 -2.16 22.93
N MET B 138 26.82 -1.90 22.89
CA MET B 138 25.95 -1.92 24.10
C MET B 138 24.67 -2.69 23.85
N GLU B 139 24.13 -3.25 24.92
CA GLU B 139 22.86 -3.99 24.95
C GLU B 139 21.87 -3.18 25.78
N ILE B 140 20.60 -3.13 25.36
CA ILE B 140 19.48 -2.56 26.17
C ILE B 140 18.46 -3.68 26.34
N TYR B 141 18.21 -4.06 27.59
CA TYR B 141 17.29 -5.14 27.97
C TYR B 141 16.57 -4.74 29.26
N ASN B 142 15.23 -4.76 29.23
CA ASN B 142 14.37 -4.32 30.36
C ASN B 142 14.89 -2.97 30.86
N GLU B 143 15.08 -2.01 29.95
CA GLU B 143 15.48 -0.61 30.22
C GLU B 143 16.84 -0.55 30.95
N THR B 144 17.64 -1.61 30.91
CA THR B 144 19.03 -1.64 31.44
C THR B 144 20.01 -1.64 30.26
N ILE B 145 20.89 -0.64 30.24
CA ILE B 145 22.08 -0.54 29.34
C ILE B 145 23.28 -1.27 29.98
N THR B 146 23.86 -2.25 29.27
CA THR B 146 25.15 -2.87 29.62
C THR B 146 26.16 -2.69 28.47
N ASP B 147 27.42 -2.43 28.81
CA ASP B 147 28.55 -2.35 27.84
C ASP B 147 28.92 -3.79 27.47
N LEU B 148 29.04 -4.11 26.17
CA LEU B 148 29.30 -5.51 25.74
C LEU B 148 30.81 -5.74 25.56
N LEU B 149 31.63 -4.69 25.64
CA LEU B 149 33.07 -4.73 25.29
C LEU B 149 33.98 -4.84 26.52
N CYS B 150 33.56 -4.34 27.69
CA CYS B 150 34.30 -4.52 28.96
C CYS B 150 34.21 -5.99 29.41
N GLY B 151 34.79 -6.36 30.54
CA GLY B 151 34.66 -7.73 31.05
C GLY B 151 33.23 -8.03 31.48
N THR B 152 32.84 -9.30 31.55
CA THR B 152 31.62 -9.78 32.26
C THR B 152 31.63 -9.20 33.67
N GLN B 153 32.81 -9.15 34.29
CA GLN B 153 33.02 -8.62 35.67
C GLN B 153 32.56 -7.16 35.73
N LYS B 154 32.92 -6.34 34.72
CA LYS B 154 32.77 -4.86 34.77
C LYS B 154 31.36 -4.45 34.31
N MET B 155 30.53 -5.39 33.87
CA MET B 155 29.16 -5.13 33.32
C MET B 155 28.24 -4.65 34.45
N LYS B 156 27.79 -3.40 34.38
CA LYS B 156 26.84 -2.79 35.35
C LYS B 156 25.87 -1.90 34.59
N PRO B 157 24.64 -1.67 35.12
CA PRO B 157 23.75 -0.64 34.58
C PRO B 157 24.43 0.72 34.37
N LEU B 158 24.41 1.23 33.13
CA LEU B 158 25.03 2.54 32.78
C LEU B 158 23.95 3.60 32.69
N ILE B 159 24.39 4.85 32.67
CA ILE B 159 23.53 6.04 32.93
C ILE B 159 23.64 6.96 31.72
N ILE B 160 22.51 7.35 31.17
CA ILE B 160 22.44 8.35 30.07
C ILE B 160 22.59 9.72 30.72
N ARG B 161 23.53 10.53 30.22
CA ARG B 161 23.76 11.91 30.70
C ARG B 161 23.83 12.83 29.49
N GLU B 162 23.82 14.14 29.76
CA GLU B 162 23.96 15.20 28.73
C GLU B 162 25.27 15.95 28.98
N ASP B 163 25.84 16.51 27.90
CA ASP B 163 27.16 17.19 27.90
C ASP B 163 26.93 18.70 27.84
N VAL B 164 28.01 19.45 27.61
CA VAL B 164 28.01 20.94 27.50
C VAL B 164 26.92 21.40 26.52
N ASN B 165 26.80 20.76 25.35
CA ASN B 165 25.82 21.13 24.31
C ASN B 165 24.49 20.39 24.54
N ARG B 166 24.32 19.77 25.71
CA ARG B 166 23.11 18.97 26.07
C ARG B 166 22.90 17.83 25.04
N ASN B 167 23.99 17.29 24.48
CA ASN B 167 24.00 16.05 23.67
C ASN B 167 24.08 14.83 24.59
N VAL B 168 23.21 13.85 24.38
CA VAL B 168 23.12 12.61 25.23
C VAL B 168 24.40 11.77 24.99
N TYR B 169 24.88 11.08 26.02
CA TYR B 169 25.90 10.01 25.89
C TYR B 169 25.59 8.95 26.94
N VAL B 170 26.16 7.76 26.83
CA VAL B 170 26.07 6.69 27.86
C VAL B 170 27.35 6.77 28.69
N ALA B 171 27.23 7.14 29.96
CA ALA B 171 28.37 7.32 30.88
C ALA B 171 29.14 6.01 31.00
N ASP B 172 30.48 6.07 30.90
CA ASP B 172 31.43 4.94 31.14
C ASP B 172 31.25 3.84 30.09
N LEU B 173 30.66 4.14 28.93
CA LEU B 173 30.60 3.14 27.83
C LEU B 173 32.01 3.03 27.21
N THR B 174 32.62 1.84 27.25
CA THR B 174 33.92 1.58 26.59
C THR B 174 33.92 2.17 25.17
N GLU B 175 34.96 2.93 24.82
CA GLU B 175 35.25 3.33 23.43
C GLU B 175 36.62 2.74 23.05
N GLU B 176 36.69 1.90 22.01
CA GLU B 176 37.94 1.22 21.59
C GLU B 176 38.42 1.75 20.23
N VAL B 177 39.58 2.43 20.22
CA VAL B 177 40.29 2.89 19.00
C VAL B 177 40.67 1.67 18.15
N VAL B 178 40.41 1.74 16.85
CA VAL B 178 40.68 0.62 15.89
C VAL B 178 41.34 1.20 14.64
N TYR B 179 42.44 0.59 14.21
CA TYR B 179 43.22 1.02 13.02
C TYR B 179 43.01 0.02 11.89
N THR B 180 42.53 -1.18 12.21
CA THR B 180 42.30 -2.28 11.24
C THR B 180 40.87 -2.79 11.38
N SER B 181 40.33 -3.36 10.30
CA SER B 181 39.07 -4.12 10.32
C SER B 181 39.22 -5.32 11.26
N GLU B 182 40.38 -5.97 11.29
CA GLU B 182 40.54 -7.23 12.10
C GLU B 182 40.37 -6.92 13.59
N MET B 183 40.85 -5.78 14.06
CA MET B 183 40.70 -5.42 15.50
C MET B 183 39.23 -5.04 15.76
N ALA B 184 38.61 -4.23 14.90
CA ALA B 184 37.17 -3.88 15.02
C ALA B 184 36.34 -5.16 15.10
N LEU B 185 36.62 -6.16 14.25
CA LEU B 185 35.88 -7.46 14.22
C LEU B 185 36.15 -8.24 15.51
N LYS B 186 37.36 -8.13 16.07
CA LYS B 186 37.69 -8.85 17.32
C LYS B 186 36.87 -8.27 18.47
N TRP B 187 36.66 -6.96 18.48
CA TRP B 187 35.78 -6.32 19.48
C TRP B 187 34.33 -6.81 19.33
N ILE B 188 33.85 -6.94 18.10
N ILE B 188 33.84 -6.95 18.09
CA ILE B 188 32.45 -7.37 17.85
CA ILE B 188 32.45 -7.40 17.80
C ILE B 188 32.29 -8.83 18.31
C ILE B 188 32.27 -8.84 18.26
N THR B 189 33.26 -9.68 17.98
CA THR B 189 33.27 -11.10 18.43
C THR B 189 33.20 -11.13 19.94
N LYS B 190 33.97 -10.29 20.63
CA LYS B 190 33.99 -10.27 22.11
C LYS B 190 32.58 -9.93 22.61
N GLY B 191 32.05 -8.78 22.16
CA GLY B 191 30.68 -8.34 22.50
C GLY B 191 29.65 -9.43 22.20
N GLU B 192 29.79 -10.12 21.07
CA GLU B 192 28.83 -11.18 20.64
C GLU B 192 28.82 -12.35 21.62
N LYS B 193 29.97 -12.80 22.12
CA LYS B 193 30.00 -13.95 23.08
C LYS B 193 29.43 -13.46 24.41
N SER B 194 29.50 -12.15 24.68
CA SER B 194 28.88 -11.48 25.85
C SER B 194 27.35 -11.37 25.70
N ARG B 195 26.82 -11.15 24.48
CA ARG B 195 25.35 -11.12 24.19
C ARG B 195 24.82 -12.55 24.34
N HIS B 196 25.56 -13.54 23.78
CA HIS B 196 25.34 -15.01 23.88
C HIS B 196 25.15 -15.44 25.35
N TYR B 197 25.85 -14.77 26.28
CA TYR B 197 25.85 -15.06 27.74
C TYR B 197 24.48 -14.69 28.34
N GLN B 204 14.93 -16.31 26.67
CA GLN B 204 14.99 -15.86 25.25
C GLN B 204 15.34 -14.36 25.23
N ARG B 205 16.49 -14.04 25.82
CA ARG B 205 16.96 -12.67 26.14
C ARG B 205 17.21 -11.86 24.86
N SER B 206 17.91 -12.42 23.87
CA SER B 206 18.47 -11.66 22.71
C SER B 206 17.34 -11.20 21.78
N SER B 207 16.19 -11.88 21.87
CA SER B 207 14.94 -11.56 21.12
C SER B 207 14.18 -10.41 21.81
N ARG B 208 14.49 -10.13 23.08
CA ARG B 208 13.86 -9.03 23.84
C ARG B 208 14.88 -7.93 24.12
N SER B 209 16.05 -8.01 23.50
CA SER B 209 17.14 -7.02 23.70
C SER B 209 17.39 -6.22 22.42
N HIS B 210 17.77 -4.95 22.59
CA HIS B 210 18.32 -4.07 21.55
C HIS B 210 19.85 -4.13 21.65
N THR B 211 20.56 -4.15 20.51
CA THR B 211 22.03 -3.94 20.46
C THR B 211 22.36 -2.76 19.56
N ILE B 212 23.24 -1.90 20.02
CA ILE B 212 23.71 -0.72 19.26
C ILE B 212 25.21 -0.89 19.12
N PHE B 213 25.66 -1.14 17.90
CA PHE B 213 27.08 -1.04 17.51
C PHE B 213 27.32 0.38 17.03
N ARG B 214 28.32 1.05 17.57
CA ARG B 214 28.60 2.45 17.17
C ARG B 214 30.05 2.59 16.75
N MET B 215 30.31 3.27 15.66
CA MET B 215 31.67 3.77 15.35
C MET B 215 31.60 5.29 15.35
N ILE B 216 32.47 5.91 16.13
CA ILE B 216 32.74 7.37 16.00
C ILE B 216 33.92 7.52 15.05
N LEU B 217 33.68 8.21 13.93
CA LEU B 217 34.71 8.54 12.91
C LEU B 217 35.06 10.00 13.10
N GLU B 218 36.35 10.28 13.32
CA GLU B 218 36.93 11.63 13.30
C GLU B 218 37.93 11.67 12.15
N SER B 219 37.98 12.78 11.40
CA SER B 219 39.03 13.01 10.37
C SER B 219 39.40 14.50 10.31
N ARG B 220 40.61 14.78 9.81
CA ARG B 220 41.16 16.13 9.51
C ARG B 220 42.24 15.98 8.41
N GLU B 221 42.60 17.08 7.73
CA GLU B 221 43.68 17.13 6.71
C GLU B 221 45.02 16.75 7.37
N LYS B 222 45.83 15.92 6.71
CA LYS B 222 47.11 15.38 7.26
C LYS B 222 48.25 16.37 6.99
N SER B 231 40.13 22.14 11.36
CA SER B 231 38.79 21.66 11.80
C SER B 231 38.70 20.13 11.67
N VAL B 232 37.87 19.51 12.52
CA VAL B 232 37.73 18.04 12.62
C VAL B 232 36.29 17.65 12.28
N LYS B 233 36.09 16.73 11.33
CA LYS B 233 34.78 16.09 11.04
C LYS B 233 34.52 14.97 12.06
N VAL B 234 33.36 14.98 12.71
CA VAL B 234 32.95 13.98 13.74
C VAL B 234 31.61 13.39 13.29
N SER B 235 31.52 12.08 13.10
CA SER B 235 30.24 11.42 12.78
C SER B 235 30.06 10.19 13.65
N HIS B 236 28.84 9.96 14.12
CA HIS B 236 28.44 8.75 14.86
C HIS B 236 27.72 7.82 13.90
N LEU B 237 28.24 6.61 13.69
CA LEU B 237 27.58 5.57 12.87
C LEU B 237 26.98 4.54 13.81
N ASN B 238 25.66 4.54 13.98
CA ASN B 238 24.96 3.58 14.88
C ASN B 238 24.28 2.51 14.03
N LEU B 239 24.55 1.25 14.33
CA LEU B 239 23.99 0.07 13.64
C LEU B 239 23.25 -0.75 14.69
N VAL B 240 21.93 -0.83 14.54
CA VAL B 240 21.01 -1.19 15.64
C VAL B 240 20.24 -2.44 15.25
N ASP B 241 20.36 -3.49 16.05
CA ASP B 241 19.53 -4.72 15.96
C ASP B 241 18.47 -4.62 17.06
N LEU B 242 17.21 -4.29 16.71
CA LEU B 242 16.17 -4.03 17.74
C LEU B 242 15.62 -5.35 18.32
N ALA B 243 14.99 -5.22 19.49
CA ALA B 243 14.14 -6.28 20.09
C ALA B 243 12.99 -6.58 19.12
N GLY B 244 12.53 -7.84 19.15
CA GLY B 244 11.42 -8.37 18.31
C GLY B 244 10.17 -7.52 18.45
N SER B 245 9.56 -7.15 17.33
CA SER B 245 8.37 -6.25 17.31
C SER B 245 7.09 -7.01 17.69
N GLU B 246 7.08 -8.34 17.85
CA GLU B 246 5.88 -9.02 18.44
C GLU B 246 5.46 -8.35 19.75
N ARG B 247 6.40 -7.74 20.48
CA ARG B 247 6.17 -7.12 21.82
C ARG B 247 6.04 -5.59 21.68
N ALA B 248 5.76 -5.08 20.47
CA ALA B 248 5.65 -3.62 20.16
C ALA B 248 4.34 -3.06 20.71
N ALA B 249 3.20 -3.68 20.36
CA ALA B 249 1.82 -3.30 20.75
C ALA B 249 0.83 -4.31 20.13
N LEU B 258 -6.27 -1.67 25.58
CA LEU B 258 -4.81 -1.97 25.42
C LEU B 258 -4.34 -2.80 26.64
N LYS B 259 -4.64 -4.11 26.65
CA LYS B 259 -4.63 -4.97 27.87
C LYS B 259 -3.50 -6.02 27.79
N GLU B 260 -3.35 -6.84 28.85
CA GLU B 260 -2.29 -7.86 28.99
C GLU B 260 -2.85 -9.26 28.75
N GLY B 261 -3.34 -9.51 27.53
CA GLY B 261 -3.39 -10.86 26.93
C GLY B 261 -1.99 -11.44 26.78
N CYS B 262 -1.01 -10.60 26.38
CA CYS B 262 0.44 -10.93 26.30
C CYS B 262 1.32 -9.68 26.42
N ASN B 263 2.62 -9.82 26.13
CA ASN B 263 3.76 -9.00 26.66
C ASN B 263 4.01 -7.74 25.79
N ILE B 264 4.63 -6.70 26.40
CA ILE B 264 4.92 -5.37 25.78
C ILE B 264 6.33 -4.92 26.18
N ASN B 265 7.16 -4.56 25.19
CA ASN B 265 8.51 -3.96 25.38
C ASN B 265 8.33 -2.44 25.40
N ARG B 266 8.82 -1.75 26.44
CA ARG B 266 8.58 -0.30 26.65
C ARG B 266 9.27 0.50 25.56
N SER B 267 10.55 0.22 25.33
CA SER B 267 11.41 0.88 24.31
C SER B 267 10.73 0.82 22.93
N LEU B 268 10.14 -0.31 22.55
CA LEU B 268 9.50 -0.45 21.20
C LEU B 268 8.20 0.32 21.16
N PHE B 269 7.40 0.25 22.21
CA PHE B 269 6.13 1.02 22.29
C PHE B 269 6.48 2.51 22.15
N ILE B 270 7.52 2.98 22.87
CA ILE B 270 7.91 4.42 22.85
C ILE B 270 8.53 4.77 21.49
N LEU B 271 9.34 3.88 20.93
CA LEU B 271 9.86 4.07 19.56
C LEU B 271 8.69 4.34 18.59
N GLY B 272 7.69 3.47 18.62
CA GLY B 272 6.47 3.63 17.79
C GLY B 272 5.85 5.00 18.02
N GLN B 273 5.69 5.36 19.29
CA GLN B 273 4.99 6.61 19.68
C GLN B 273 5.78 7.80 19.15
N VAL B 274 7.10 7.81 19.38
CA VAL B 274 8.00 8.91 18.93
C VAL B 274 7.92 9.06 17.41
N ILE B 275 8.02 7.96 16.67
CA ILE B 275 8.02 8.01 15.18
C ILE B 275 6.62 8.45 14.72
N LYS B 276 5.55 7.98 15.36
CA LYS B 276 4.16 8.41 15.02
C LYS B 276 4.07 9.93 15.17
N LYS B 277 4.57 10.49 16.28
CA LYS B 277 4.42 11.95 16.55
C LYS B 277 5.25 12.73 15.54
N LEU B 278 6.46 12.28 15.21
CA LEU B 278 7.32 12.96 14.21
C LEU B 278 6.64 12.94 12.83
N SER B 279 6.04 11.83 12.42
CA SER B 279 5.42 11.70 11.07
C SER B 279 4.18 12.59 10.96
N ASP B 280 3.54 12.93 12.08
CA ASP B 280 2.36 13.83 12.13
C ASP B 280 2.80 15.31 12.06
N GLY B 281 4.10 15.60 12.12
CA GLY B 281 4.63 16.97 11.96
C GLY B 281 4.96 17.62 13.29
N GLN B 282 4.83 16.91 14.43
CA GLN B 282 5.32 17.40 15.75
C GLN B 282 6.84 17.21 15.81
N PHE B 286 6.18 17.81 21.63
CA PHE B 286 5.40 16.81 22.41
C PHE B 286 6.04 15.42 22.25
N ILE B 287 7.36 15.33 21.97
CA ILE B 287 8.03 14.06 21.56
C ILE B 287 8.72 13.43 22.78
N ASN B 288 8.17 12.31 23.27
CA ASN B 288 8.55 11.68 24.56
C ASN B 288 9.80 10.77 24.41
N TYR B 289 10.89 11.31 23.86
CA TYR B 289 12.21 10.60 23.77
C TYR B 289 12.59 9.98 25.11
N ARG B 290 12.34 10.72 26.20
CA ARG B 290 12.83 10.39 27.57
C ARG B 290 12.13 9.16 28.14
N ASP B 291 11.00 8.72 27.57
CA ASP B 291 10.19 7.64 28.17
C ASP B 291 10.87 6.27 28.04
N SER B 292 11.95 6.13 27.26
CA SER B 292 12.69 4.85 27.17
C SER B 292 14.18 5.14 27.00
N LYS B 293 15.01 4.21 27.42
CA LYS B 293 16.49 4.28 27.23
C LYS B 293 16.78 4.36 25.72
N LEU B 294 16.12 3.51 24.93
CA LEU B 294 16.39 3.39 23.48
C LEU B 294 16.17 4.74 22.81
N THR B 295 14.99 5.34 22.99
CA THR B 295 14.62 6.59 22.29
C THR B 295 15.43 7.77 22.81
N ARG B 296 15.84 7.73 24.07
CA ARG B 296 16.67 8.83 24.64
C ARG B 296 18.08 8.72 24.05
N ILE B 297 18.68 7.53 24.11
CA ILE B 297 20.07 7.35 23.54
C ILE B 297 20.09 7.77 22.06
N LEU B 298 19.13 7.32 21.27
CA LEU B 298 19.15 7.51 19.79
C LEU B 298 18.25 8.66 19.37
N GLN B 299 17.87 9.51 20.32
CA GLN B 299 16.98 10.67 20.07
C GLN B 299 17.44 11.42 18.80
N ASN B 300 18.74 11.59 18.61
CA ASN B 300 19.28 12.34 17.45
C ASN B 300 18.97 11.58 16.13
N SER B 301 18.76 10.25 16.16
CA SER B 301 18.47 9.47 14.93
C SER B 301 16.99 9.62 14.49
N LEU B 302 16.16 10.18 15.36
CA LEU B 302 14.69 10.22 15.22
C LEU B 302 14.26 11.69 15.18
N GLY B 303 14.33 12.29 13.98
CA GLY B 303 13.92 13.67 13.71
C GLY B 303 15.07 14.66 13.85
N GLY B 304 16.29 14.18 14.16
CA GLY B 304 17.43 15.02 14.56
C GLY B 304 18.46 15.16 13.45
N ASN B 305 19.74 15.27 13.83
CA ASN B 305 20.85 15.69 12.93
C ASN B 305 21.21 14.65 11.87
N PRO B 306 20.94 13.33 12.03
CA PRO B 306 21.50 12.33 11.12
C PRO B 306 20.68 11.77 9.94
N LYS B 307 21.38 10.95 9.14
CA LYS B 307 20.78 10.12 8.08
C LYS B 307 20.33 8.81 8.70
N THR B 308 19.05 8.48 8.61
CA THR B 308 18.50 7.28 9.27
C THR B 308 17.89 6.38 8.19
N ARG B 309 18.13 5.08 8.31
CA ARG B 309 17.56 4.03 7.45
C ARG B 309 16.97 2.98 8.38
N ILE B 310 15.78 2.51 8.03
CA ILE B 310 15.13 1.39 8.75
C ILE B 310 14.99 0.26 7.74
N ILE B 311 15.49 -0.92 8.11
CA ILE B 311 15.29 -2.20 7.38
C ILE B 311 14.29 -2.97 8.21
N CYS B 312 13.05 -2.99 7.72
CA CYS B 312 11.93 -3.72 8.33
C CYS B 312 11.98 -5.15 7.81
N THR B 313 12.29 -6.13 8.67
CA THR B 313 12.35 -7.56 8.28
C THR B 313 10.99 -8.19 8.58
N ILE B 314 10.48 -9.00 7.65
CA ILE B 314 9.15 -9.66 7.79
C ILE B 314 9.27 -11.11 7.31
N THR B 315 8.48 -11.99 7.90
CA THR B 315 8.23 -13.35 7.37
C THR B 315 6.84 -13.33 6.73
N PRO B 316 6.69 -13.78 5.48
CA PRO B 316 5.40 -13.73 4.79
C PRO B 316 4.34 -14.69 5.34
N VAL B 317 4.73 -15.66 6.17
CA VAL B 317 3.81 -16.63 6.83
C VAL B 317 3.31 -16.05 8.16
N SER B 318 3.66 -14.82 8.50
CA SER B 318 3.10 -14.13 9.69
C SER B 318 2.06 -13.12 9.21
N PHE B 319 0.87 -13.10 9.81
CA PHE B 319 -0.13 -12.04 9.51
C PHE B 319 0.03 -10.88 10.49
N ASP B 320 -0.35 -11.07 11.74
CA ASP B 320 -0.52 -9.97 12.73
C ASP B 320 0.82 -9.23 12.94
N GLU B 321 1.90 -9.96 13.13
CA GLU B 321 3.22 -9.35 13.46
C GLU B 321 3.79 -8.65 12.23
N THR B 322 3.62 -9.22 11.04
CA THR B 322 4.01 -8.56 9.75
C THR B 322 3.21 -7.26 9.60
N LEU B 323 1.90 -7.32 9.80
CA LEU B 323 1.01 -6.14 9.67
C LEU B 323 1.54 -5.02 10.58
N THR B 324 1.80 -5.31 11.85
CA THR B 324 2.29 -4.31 12.86
C THR B 324 3.60 -3.72 12.34
N ALA B 325 4.52 -4.56 11.88
CA ALA B 325 5.85 -4.12 11.38
C ALA B 325 5.70 -3.21 10.15
N LEU B 326 4.83 -3.56 9.19
CA LEU B 326 4.64 -2.74 7.96
C LEU B 326 4.02 -1.39 8.30
N GLN B 327 3.08 -1.33 9.26
CA GLN B 327 2.45 -0.05 9.73
C GLN B 327 3.52 0.81 10.38
N PHE B 328 4.34 0.23 11.24
CA PHE B 328 5.50 0.94 11.82
C PHE B 328 6.36 1.52 10.70
N ALA B 329 6.83 0.65 9.80
CA ALA B 329 7.77 0.99 8.70
C ALA B 329 7.15 2.10 7.84
N SER B 330 5.87 1.93 7.51
CA SER B 330 5.11 2.89 6.67
C SER B 330 5.04 4.27 7.35
N THR B 331 4.63 4.33 8.62
CA THR B 331 4.68 5.59 9.41
C THR B 331 6.08 6.20 9.35
N ALA B 332 7.13 5.39 9.53
CA ALA B 332 8.53 5.86 9.63
C ALA B 332 8.96 6.59 8.34
N LYS B 333 8.37 6.25 7.19
CA LYS B 333 8.69 6.88 5.88
C LYS B 333 8.58 8.40 5.94
N TYR B 334 7.68 8.93 6.77
CA TYR B 334 7.32 10.37 6.81
C TYR B 334 8.11 11.10 7.87
N MET B 335 8.96 10.40 8.64
CA MET B 335 9.86 11.06 9.62
C MET B 335 10.81 12.01 8.87
N LYS B 336 11.03 13.21 9.42
CA LYS B 336 11.84 14.28 8.81
C LYS B 336 13.09 14.51 9.66
N ASN B 337 14.26 14.17 9.14
CA ASN B 337 15.58 14.43 9.76
C ASN B 337 16.22 15.57 8.96
N THR B 338 17.08 16.33 9.60
CA THR B 338 17.78 17.49 8.99
C THR B 338 19.27 17.27 9.21
N PRO B 339 19.94 16.45 8.37
CA PRO B 339 21.34 16.11 8.57
C PRO B 339 22.30 17.13 7.95
N TYR B 340 23.38 17.45 8.67
CA TYR B 340 24.50 18.27 8.16
C TYR B 340 25.83 17.67 8.61
N VAL B 341 26.89 18.05 7.88
CA VAL B 341 28.30 17.71 8.20
C VAL B 341 28.63 18.29 9.57
N ASN B 342 29.20 17.47 10.46
CA ASN B 342 29.62 17.90 11.82
C ASN B 342 31.12 18.23 11.78
N GLU B 343 31.45 19.52 11.65
CA GLU B 343 32.83 20.08 11.66
C GLU B 343 33.04 20.89 12.94
N VAL B 344 34.03 20.52 13.76
CA VAL B 344 34.30 21.22 15.06
C VAL B 344 35.60 22.03 14.96
N SER B 345 35.80 22.91 15.95
CA SER B 345 36.99 23.77 16.15
C SER B 345 38.20 22.92 16.54
PB ADP C . -20.99 -9.36 -22.12
O1B ADP C . -19.97 -9.41 -21.04
O2B ADP C . -22.04 -8.25 -21.91
O3B ADP C . -20.42 -9.36 -23.47
PA ADP C . -23.46 -10.91 -21.74
O1A ADP C . -23.83 -10.36 -20.42
O2A ADP C . -24.17 -10.46 -22.95
O3A ADP C . -21.87 -10.71 -21.94
O5' ADP C . -23.54 -12.52 -21.60
C5' ADP C . -23.34 -13.41 -22.72
C4' ADP C . -24.43 -14.45 -22.76
O4' ADP C . -24.34 -15.33 -21.61
C3' ADP C . -25.87 -13.90 -22.73
O3' ADP C . -26.73 -14.72 -23.51
C2' ADP C . -26.21 -13.95 -21.24
O2' ADP C . -27.57 -14.03 -20.93
C1' ADP C . -25.50 -15.22 -20.82
N9 ADP C . -25.11 -15.16 -19.41
C8 ADP C . -24.10 -14.39 -18.90
N7 ADP C . -23.95 -14.50 -17.61
C5 ADP C . -24.91 -15.43 -17.24
C6 ADP C . -25.21 -15.99 -16.00
N6 ADP C . -24.57 -15.65 -14.87
N1 ADP C . -26.23 -16.90 -15.95
C2 ADP C . -26.85 -17.19 -17.10
N3 ADP C . -26.62 -16.75 -18.33
C4 ADP C . -25.62 -15.86 -18.34
MG MG D . -22.46 -6.67 -23.01
PB ADP E . 15.73 -12.18 14.31
O1B ADP E . 15.00 -12.73 15.49
O2B ADP E . 17.08 -11.65 14.63
O3B ADP E . 14.91 -11.15 13.52
PA ADP E . 17.31 -14.04 12.76
O1A ADP E . 18.05 -14.74 13.84
O2A ADP E . 18.08 -13.00 12.04
O3A ADP E . 15.96 -13.45 13.35
O5' ADP E . 16.70 -15.11 11.74
C5' ADP E . 15.95 -16.24 12.23
C4' ADP E . 16.42 -17.49 11.50
O4' ADP E . 16.08 -17.36 10.09
C3' ADP E . 17.93 -17.76 11.55
O3' ADP E . 18.25 -19.14 11.53
C2' ADP E . 18.42 -17.10 10.26
O2' ADP E . 19.59 -17.71 9.80
C1' ADP E . 17.25 -17.35 9.30
N9 ADP E . 17.12 -16.30 8.28
C8 ADP E . 16.69 -15.02 8.51
N7 ADP E . 16.69 -14.27 7.44
C5 ADP E . 17.18 -15.10 6.44
C6 ADP E . 17.43 -14.87 5.07
N6 ADP E . 17.23 -13.71 4.48
N1 ADP E . 17.95 -15.90 4.35
C2 ADP E . 18.16 -17.06 4.97
N3 ADP E . 17.95 -17.39 6.25
C4 ADP E . 17.46 -16.35 6.94
MG MG F . 18.04 -11.53 16.49
#